data_8VF6
#
_entry.id   8VF6
#
_cell.length_a   84.210
_cell.length_b   87.920
_cell.length_c   98.150
_cell.angle_alpha   90.00
_cell.angle_beta   90.00
_cell.angle_gamma   90.00
#
_symmetry.space_group_name_H-M   'P 21 21 21'
#
loop_
_entity.id
_entity.type
_entity.pdbx_description
1 polymer 'Serine/threonine-protein kinase 33'
2 non-polymer "{3-[([1,1'-biphenyl]-2-yl)ethynyl]-1H-indazol-5-yl}[(3R)-3-(dimethylamino)pyrrolidin-1-yl]methanone"
3 water water
#
_entity_poly.entity_id   1
_entity_poly.type   'polypeptide(L)'
_entity_poly.pdbx_seq_one_letter_code
;MGKVPHIRIENGAAIEEIYTFGRILGKGSFGIVIEATDKETETKWAIKKVNKEKAGSSAVKLLEREVNILKSVKHEHIIH
LEQVFETPKKMYLVMELCEDGELKEILDRKGHFSENETRWIIQSLASAIAYLHNNDIVHRDLKLENIMVKSSLIDDNNEI
NLNIKVTDFGLAVKKQSRSEAMLQATCGTPIYMAPEVISAHDYSQQCDIWSIGVVMYMLLRGEPPFLASSEEKLFELIRK
GELHFENAVWNSISDCAKSVLKQLMKVDPAHRITAKELLDNQWLTG
;
_entity_poly.pdbx_strand_id   A,B
#
loop_
_chem_comp.id
_chem_comp.type
_chem_comp.name
_chem_comp.formula
A1AAY non-polymer {3-[([1,1'-biphenyl]-2-yl)ethynyl]-1H-indazol-5-yl}[(3R)-3-(dimethylamino)pyrrolidin-1-yl]methanone 'C28 H26 N4 O'
#
# COMPACT_ATOMS: atom_id res chain seq x y z
N LYS A 3 4.42 -25.78 -15.73
CA LYS A 3 5.23 -24.80 -15.03
C LYS A 3 6.67 -24.80 -15.54
N VAL A 4 7.42 -23.76 -15.20
CA VAL A 4 8.81 -23.63 -15.64
C VAL A 4 9.74 -24.24 -14.59
N PRO A 5 10.63 -25.13 -14.99
CA PRO A 5 11.64 -25.63 -14.04
C PRO A 5 12.67 -24.56 -13.71
N HIS A 6 13.10 -24.54 -12.46
CA HIS A 6 14.09 -23.60 -11.97
C HIS A 6 15.42 -24.34 -11.87
N ILE A 7 16.18 -24.31 -12.97
CA ILE A 7 17.39 -25.11 -13.10
C ILE A 7 18.55 -24.33 -12.49
N ARG A 8 19.22 -24.93 -11.52
CA ARG A 8 20.37 -24.34 -10.86
C ARG A 8 21.64 -24.89 -11.50
N ILE A 9 22.45 -24.00 -12.07
CA ILE A 9 23.66 -24.38 -12.77
C ILE A 9 24.85 -23.68 -12.12
N GLU A 10 26.05 -24.05 -12.56
CA GLU A 10 27.28 -23.71 -11.84
C GLU A 10 27.82 -22.34 -12.20
N ASN A 11 27.90 -22.00 -13.49
CA ASN A 11 28.61 -20.80 -13.88
C ASN A 11 28.13 -20.32 -15.24
N GLY A 12 28.69 -19.18 -15.68
CA GLY A 12 28.29 -18.60 -16.94
C GLY A 12 28.63 -19.45 -18.14
N ALA A 13 29.72 -20.22 -18.07
CA ALA A 13 30.06 -21.11 -19.16
C ALA A 13 29.01 -22.22 -19.31
N ALA A 14 28.39 -22.62 -18.19
CA ALA A 14 27.37 -23.66 -18.24
C ALA A 14 26.17 -23.24 -19.07
N ILE A 15 25.70 -22.00 -18.89
CA ILE A 15 24.57 -21.55 -19.69
C ILE A 15 25.02 -21.22 -21.11
N GLU A 16 26.29 -20.84 -21.29
CA GLU A 16 26.82 -20.67 -22.63
C GLU A 16 26.99 -21.99 -23.36
N GLU A 17 26.90 -23.12 -22.65
CA GLU A 17 26.81 -24.41 -23.34
C GLU A 17 25.48 -24.55 -24.07
N ILE A 18 24.43 -23.89 -23.56
CA ILE A 18 23.10 -24.02 -24.15
C ILE A 18 22.85 -22.95 -25.21
N TYR A 19 23.24 -21.70 -24.94
CA TYR A 19 22.88 -20.57 -25.77
C TYR A 19 24.11 -19.88 -26.33
N THR A 20 23.97 -19.33 -27.53
CA THR A 20 24.96 -18.44 -28.12
C THR A 20 24.49 -17.00 -27.88
N PHE A 21 25.29 -16.23 -27.13
CA PHE A 21 24.90 -14.88 -26.75
C PHE A 21 25.18 -13.89 -27.87
N GLY A 22 24.22 -12.98 -28.10
CA GLY A 22 24.32 -12.02 -29.18
C GLY A 22 24.37 -10.58 -28.71
N ARG A 23 23.81 -9.65 -29.48
CA ARG A 23 23.92 -8.26 -29.13
C ARG A 23 23.02 -7.92 -27.94
N ILE A 24 23.34 -6.83 -27.27
CA ILE A 24 22.57 -6.37 -26.12
C ILE A 24 21.42 -5.50 -26.62
N LEU A 25 20.23 -5.76 -26.12
CA LEU A 25 19.02 -5.06 -26.53
C LEU A 25 18.59 -3.99 -25.54
N GLY A 26 18.96 -4.14 -24.27
CA GLY A 26 18.61 -3.17 -23.25
C GLY A 26 19.52 -3.29 -22.06
N LYS A 27 19.65 -2.19 -21.32
CA LYS A 27 20.50 -2.17 -20.14
C LYS A 27 19.92 -1.17 -19.14
N GLY A 28 20.00 -1.52 -17.86
CA GLY A 28 19.50 -0.64 -16.83
C GLY A 28 19.66 -1.24 -15.45
N SER A 29 18.91 -0.69 -14.49
CA SER A 29 18.92 -1.22 -13.13
C SER A 29 18.26 -2.58 -13.04
N PHE A 30 17.48 -2.97 -14.06
CA PHE A 30 16.84 -4.28 -14.13
C PHE A 30 17.80 -5.36 -14.60
N GLY A 31 19.06 -5.03 -14.84
CA GLY A 31 19.99 -5.93 -15.46
C GLY A 31 20.20 -5.59 -16.93
N ILE A 32 20.57 -6.58 -17.73
CA ILE A 32 20.75 -6.40 -19.16
C ILE A 32 20.01 -7.51 -19.91
N VAL A 33 19.55 -7.17 -21.12
CA VAL A 33 18.82 -8.08 -21.98
C VAL A 33 19.66 -8.33 -23.23
N ILE A 34 20.00 -9.59 -23.47
CA ILE A 34 20.76 -9.96 -24.66
C ILE A 34 19.91 -10.82 -25.59
N GLU A 35 20.23 -10.73 -26.87
CA GLU A 35 19.75 -11.70 -27.85
C GLU A 35 20.49 -13.01 -27.63
N ALA A 36 19.78 -14.13 -27.79
CA ALA A 36 20.40 -15.42 -27.57
C ALA A 36 19.77 -16.46 -28.48
N THR A 37 20.57 -17.44 -28.88
CA THR A 37 20.12 -18.50 -29.78
C THR A 37 20.46 -19.87 -29.18
N ASP A 38 19.45 -20.72 -29.06
CA ASP A 38 19.64 -22.09 -28.62
C ASP A 38 20.48 -22.83 -29.66
N LYS A 39 21.65 -23.33 -29.24
CA LYS A 39 22.54 -24.01 -30.18
C LYS A 39 21.87 -25.23 -30.81
N GLU A 40 21.08 -25.97 -30.02
CA GLU A 40 20.46 -27.19 -30.50
C GLU A 40 19.28 -26.92 -31.43
N THR A 41 18.38 -26.02 -31.02
CA THR A 41 17.10 -25.83 -31.69
C THR A 41 17.07 -24.68 -32.68
N GLU A 42 18.13 -23.86 -32.74
CA GLU A 42 18.25 -22.69 -33.60
C GLU A 42 17.30 -21.54 -33.24
N THR A 43 16.61 -21.63 -32.11
CA THR A 43 15.63 -20.60 -31.76
C THR A 43 16.29 -19.43 -31.06
N LYS A 44 15.88 -18.22 -31.45
CA LYS A 44 16.34 -17.00 -30.81
C LYS A 44 15.42 -16.62 -29.66
N TRP A 45 16.02 -16.24 -28.54
CA TRP A 45 15.30 -15.81 -27.35
C TRP A 45 15.92 -14.51 -26.86
N ALA A 46 15.31 -13.95 -25.82
CA ALA A 46 15.84 -12.79 -25.10
C ALA A 46 16.11 -13.22 -23.67
N ILE A 47 17.35 -13.06 -23.23
CA ILE A 47 17.78 -13.48 -21.90
C ILE A 47 18.09 -12.24 -21.09
N LYS A 48 17.40 -12.10 -19.95
CA LYS A 48 17.67 -11.01 -19.03
C LYS A 48 18.67 -11.50 -17.99
N LYS A 49 19.91 -11.01 -18.07
CA LYS A 49 20.95 -11.35 -17.11
C LYS A 49 20.90 -10.36 -15.96
N VAL A 50 20.79 -10.87 -14.74
CA VAL A 50 20.77 -10.04 -13.55
C VAL A 50 21.90 -10.50 -12.64
N ASN A 51 22.82 -9.58 -12.33
CA ASN A 51 23.90 -9.85 -11.39
C ASN A 51 23.33 -9.70 -9.98
N LYS A 52 23.30 -10.79 -9.22
CA LYS A 52 22.65 -10.78 -7.92
C LYS A 52 23.32 -9.87 -6.91
N GLU A 53 24.57 -9.46 -7.16
CA GLU A 53 25.21 -8.46 -6.31
C GLU A 53 25.08 -7.05 -6.87
N LYS A 54 25.02 -6.91 -8.20
CA LYS A 54 24.89 -5.56 -8.78
C LYS A 54 23.55 -4.94 -8.43
N ALA A 55 22.47 -5.72 -8.47
CA ALA A 55 21.18 -5.25 -7.98
C ALA A 55 21.22 -5.23 -6.45
N GLY A 56 20.56 -6.19 -5.84
CA GLY A 56 20.62 -6.36 -4.39
C GLY A 56 19.51 -7.26 -3.92
N SER A 57 19.48 -7.45 -2.60
CA SER A 57 18.46 -8.33 -2.03
C SER A 57 17.06 -7.76 -2.20
N SER A 58 16.91 -6.44 -2.03
CA SER A 58 15.61 -5.81 -2.26
C SER A 58 15.20 -5.94 -3.72
N ALA A 59 16.16 -5.87 -4.63
CA ALA A 59 15.87 -5.96 -6.06
C ALA A 59 15.84 -7.40 -6.57
N VAL A 60 16.41 -8.34 -5.83
CA VAL A 60 16.35 -9.75 -6.23
C VAL A 60 15.00 -10.36 -5.89
N LYS A 61 14.45 -10.01 -4.73
CA LYS A 61 13.11 -10.50 -4.36
C LYS A 61 12.06 -10.01 -5.34
N LEU A 62 12.25 -8.82 -5.92
CA LEU A 62 11.38 -8.36 -6.98
C LEU A 62 11.36 -9.34 -8.15
N LEU A 63 12.53 -9.73 -8.63
CA LEU A 63 12.62 -10.65 -9.76
C LEU A 63 12.08 -12.03 -9.41
N GLU A 64 12.12 -12.41 -8.13
CA GLU A 64 11.61 -13.71 -7.72
C GLU A 64 10.08 -13.76 -7.81
N ARG A 65 9.42 -12.66 -7.47
CA ARG A 65 7.96 -12.62 -7.61
C ARG A 65 7.54 -12.45 -9.07
N GLU A 66 8.32 -11.69 -9.85
CA GLU A 66 8.02 -11.59 -11.28
C GLU A 66 8.08 -12.98 -11.94
N VAL A 67 9.09 -13.78 -11.59
CA VAL A 67 9.19 -15.12 -12.15
C VAL A 67 8.01 -15.97 -11.71
N ASN A 68 7.62 -15.88 -10.43
CA ASN A 68 6.49 -16.66 -9.94
C ASN A 68 5.19 -16.28 -10.64
N ILE A 69 5.04 -15.01 -10.99
CA ILE A 69 3.83 -14.57 -11.69
C ILE A 69 3.88 -14.97 -13.16
N LEU A 70 5.05 -14.81 -13.80
CA LEU A 70 5.20 -15.20 -15.19
C LEU A 70 5.05 -16.70 -15.38
N LYS A 71 5.33 -17.49 -14.34
CA LYS A 71 5.14 -18.94 -14.44
C LYS A 71 3.67 -19.32 -14.57
N SER A 72 2.80 -18.65 -13.83
CA SER A 72 1.40 -19.06 -13.74
C SER A 72 0.52 -18.46 -14.83
N VAL A 73 0.95 -17.38 -15.46
CA VAL A 73 0.14 -16.75 -16.50
C VAL A 73 0.46 -17.40 -17.85
N LYS A 74 -0.54 -17.44 -18.72
CA LYS A 74 -0.35 -17.86 -20.10
C LYS A 74 -1.36 -17.13 -20.96
N HIS A 75 -0.87 -16.27 -21.86
CA HIS A 75 -1.73 -15.46 -22.70
C HIS A 75 -0.91 -15.05 -23.90
N GLU A 76 -1.56 -14.99 -25.06
CA GLU A 76 -0.87 -14.72 -26.31
C GLU A 76 -0.26 -13.32 -26.36
N HIS A 77 -0.69 -12.42 -25.47
CA HIS A 77 -0.15 -11.07 -25.41
C HIS A 77 0.50 -10.76 -24.07
N ILE A 78 0.83 -11.79 -23.28
CA ILE A 78 1.68 -11.68 -22.12
C ILE A 78 2.96 -12.44 -22.40
N ILE A 79 4.11 -11.82 -22.11
CA ILE A 79 5.40 -12.37 -22.48
C ILE A 79 5.56 -13.78 -21.93
N HIS A 80 6.10 -14.68 -22.74
CA HIS A 80 6.28 -16.07 -22.36
C HIS A 80 7.65 -16.26 -21.71
N LEU A 81 7.67 -16.86 -20.52
CA LEU A 81 8.91 -17.20 -19.84
C LEU A 81 9.27 -18.64 -20.17
N GLU A 82 10.34 -18.82 -20.95
CA GLU A 82 10.77 -20.15 -21.35
C GLU A 82 11.52 -20.87 -20.22
N GLN A 83 12.65 -20.32 -19.78
CA GLN A 83 13.44 -20.97 -18.75
C GLN A 83 13.92 -19.95 -17.73
N VAL A 84 14.33 -20.46 -16.58
CA VAL A 84 15.02 -19.69 -15.55
C VAL A 84 16.23 -20.50 -15.12
N PHE A 85 17.42 -19.95 -15.32
CA PHE A 85 18.66 -20.55 -14.86
C PHE A 85 19.26 -19.70 -13.76
N GLU A 86 19.93 -20.35 -12.81
CA GLU A 86 20.50 -19.64 -11.66
C GLU A 86 21.89 -20.17 -11.37
N THR A 87 22.89 -19.36 -11.66
CA THR A 87 24.22 -19.55 -11.11
C THR A 87 24.27 -18.90 -9.73
N PRO A 88 25.33 -19.16 -8.95
CA PRO A 88 25.44 -18.46 -7.65
C PRO A 88 25.59 -16.95 -7.76
N LYS A 89 26.03 -16.43 -8.90
CA LYS A 89 26.31 -15.01 -9.06
C LYS A 89 25.32 -14.27 -9.95
N LYS A 90 24.65 -14.97 -10.87
CA LYS A 90 23.73 -14.34 -11.79
C LYS A 90 22.43 -15.14 -11.86
N MET A 91 21.41 -14.52 -12.44
CA MET A 91 20.14 -15.16 -12.74
C MET A 91 19.75 -14.84 -14.17
N TYR A 92 19.32 -15.87 -14.90
CA TYR A 92 19.02 -15.75 -16.32
C TYR A 92 17.56 -16.09 -16.56
N LEU A 93 16.84 -15.19 -17.24
CA LEU A 93 15.45 -15.40 -17.61
C LEU A 93 15.37 -15.51 -19.13
N VAL A 94 15.14 -16.72 -19.63
CA VAL A 94 14.98 -16.93 -21.07
C VAL A 94 13.51 -16.69 -21.42
N MET A 95 13.26 -15.71 -22.28
CA MET A 95 11.92 -15.28 -22.63
C MET A 95 11.80 -15.15 -24.14
N GLU A 96 10.56 -15.17 -24.63
CA GLU A 96 10.36 -15.04 -26.06
C GLU A 96 10.84 -13.69 -26.54
N LEU A 97 11.47 -13.68 -27.71
CA LEU A 97 12.14 -12.49 -28.23
C LEU A 97 11.15 -11.61 -28.98
N CYS A 98 11.14 -10.33 -28.63
CA CYS A 98 10.34 -9.31 -29.31
C CYS A 98 11.31 -8.47 -30.13
N GLU A 99 11.53 -8.88 -31.38
CA GLU A 99 12.58 -8.26 -32.20
C GLU A 99 12.34 -6.77 -32.42
N ASP A 100 11.09 -6.33 -32.39
CA ASP A 100 10.74 -4.95 -32.72
C ASP A 100 10.80 -4.00 -31.52
N GLY A 101 11.21 -4.47 -30.34
CA GLY A 101 11.47 -3.57 -29.24
C GLY A 101 10.24 -3.06 -28.53
N GLU A 102 10.44 -1.92 -27.85
CA GLU A 102 9.40 -1.32 -27.02
C GLU A 102 8.48 -0.45 -27.86
N LEU A 103 7.22 -0.37 -27.42
CA LEU A 103 6.23 0.41 -28.16
C LEU A 103 6.50 1.91 -28.05
N LYS A 104 7.15 2.35 -26.97
CA LYS A 104 7.46 3.77 -26.83
C LYS A 104 8.40 4.23 -27.92
N GLU A 105 9.39 3.41 -28.27
CA GLU A 105 10.32 3.76 -29.33
C GLU A 105 9.61 3.83 -30.68
N ILE A 106 8.66 2.93 -30.91
CA ILE A 106 7.93 2.92 -32.17
C ILE A 106 7.04 4.16 -32.28
N LEU A 107 6.39 4.53 -31.18
CA LEU A 107 5.49 5.69 -31.20
C LEU A 107 6.26 6.99 -31.42
N ASP A 108 7.43 7.15 -30.79
CA ASP A 108 8.18 8.38 -30.94
C ASP A 108 8.69 8.54 -32.37
N ARG A 109 9.06 7.43 -33.01
CA ARG A 109 9.53 7.51 -34.39
C ARG A 109 8.37 7.76 -35.35
N LYS A 110 7.23 7.12 -35.10
CA LYS A 110 6.09 7.27 -36.01
C LYS A 110 5.31 8.55 -35.74
N GLY A 111 5.29 9.03 -34.49
CA GLY A 111 4.52 10.21 -34.17
C GLY A 111 3.21 9.86 -33.49
N HIS A 112 2.29 9.28 -34.26
CA HIS A 112 1.02 8.82 -33.71
C HIS A 112 0.48 7.73 -34.62
N PHE A 113 -0.55 7.04 -34.15
CA PHE A 113 -1.13 5.89 -34.83
C PHE A 113 -2.54 6.20 -35.33
N SER A 114 -2.96 5.44 -36.34
CA SER A 114 -4.32 5.53 -36.82
C SER A 114 -5.28 4.96 -35.78
N GLU A 115 -6.58 5.19 -36.00
CA GLU A 115 -7.57 4.70 -35.05
C GLU A 115 -7.69 3.18 -35.09
N ASN A 116 -7.56 2.58 -36.27
CA ASN A 116 -7.61 1.12 -36.36
C ASN A 116 -6.34 0.51 -35.78
N GLU A 117 -5.20 1.14 -35.98
CA GLU A 117 -3.96 0.64 -35.42
C GLU A 117 -3.98 0.70 -33.89
N THR A 118 -4.52 1.79 -33.34
CA THR A 118 -4.69 1.87 -31.89
C THR A 118 -5.69 0.83 -31.39
N ARG A 119 -6.78 0.61 -32.12
CA ARG A 119 -7.77 -0.38 -31.69
C ARG A 119 -7.15 -1.77 -31.58
N TRP A 120 -6.31 -2.15 -32.54
CA TRP A 120 -5.66 -3.46 -32.48
C TRP A 120 -4.76 -3.56 -31.25
N ILE A 121 -4.01 -2.49 -30.95
CA ILE A 121 -3.13 -2.50 -29.80
C ILE A 121 -3.92 -2.55 -28.50
N ILE A 122 -4.96 -1.72 -28.40
CA ILE A 122 -5.75 -1.67 -27.17
C ILE A 122 -6.54 -2.95 -26.99
N GLN A 123 -6.99 -3.56 -28.09
CA GLN A 123 -7.72 -4.82 -28.01
C GLN A 123 -6.85 -5.92 -27.41
N SER A 124 -5.60 -6.01 -27.86
CA SER A 124 -4.66 -6.96 -27.26
C SER A 124 -4.43 -6.65 -25.78
N LEU A 125 -4.24 -5.37 -25.46
CA LEU A 125 -4.09 -4.96 -24.07
C LEU A 125 -5.32 -5.32 -23.24
N ALA A 126 -6.51 -5.04 -23.78
CA ALA A 126 -7.74 -5.30 -23.03
C ALA A 126 -7.87 -6.80 -22.73
N SER A 127 -7.54 -7.65 -23.70
CA SER A 127 -7.60 -9.08 -23.48
C SER A 127 -6.60 -9.53 -22.43
N ALA A 128 -5.36 -9.03 -22.49
CA ALA A 128 -4.34 -9.44 -21.54
C ALA A 128 -4.65 -8.94 -20.14
N ILE A 129 -5.11 -7.70 -20.02
CA ILE A 129 -5.42 -7.16 -18.70
C ILE A 129 -6.66 -7.83 -18.12
N ALA A 130 -7.64 -8.18 -18.96
CA ALA A 130 -8.81 -8.90 -18.46
C ALA A 130 -8.42 -10.28 -17.97
N TYR A 131 -7.48 -10.94 -18.66
CA TYR A 131 -6.95 -12.21 -18.20
C TYR A 131 -6.35 -12.09 -16.80
N LEU A 132 -5.49 -11.09 -16.60
CA LEU A 132 -4.82 -10.92 -15.32
C LEU A 132 -5.81 -10.60 -14.20
N HIS A 133 -6.76 -9.69 -14.46
CA HIS A 133 -7.73 -9.34 -13.43
C HIS A 133 -8.63 -10.51 -13.10
N ASN A 134 -9.00 -11.32 -14.10
CA ASN A 134 -9.84 -12.48 -13.84
C ASN A 134 -9.13 -13.47 -12.93
N ASN A 135 -7.80 -13.49 -12.94
CA ASN A 135 -7.00 -14.32 -12.05
C ASN A 135 -6.41 -13.53 -10.87
N ASP A 136 -7.02 -12.40 -10.51
CA ASP A 136 -6.66 -11.60 -9.33
C ASP A 136 -5.25 -11.03 -9.40
N ILE A 137 -4.67 -10.84 -10.58
CA ILE A 137 -3.33 -10.28 -10.72
C ILE A 137 -3.46 -8.86 -11.26
N VAL A 138 -2.74 -7.93 -10.64
CA VAL A 138 -2.69 -6.53 -11.08
C VAL A 138 -1.27 -6.21 -11.51
N HIS A 139 -1.12 -5.64 -12.72
CA HIS A 139 0.21 -5.34 -13.24
C HIS A 139 0.84 -4.16 -12.51
N ARG A 140 0.08 -3.07 -12.37
CA ARG A 140 0.38 -1.86 -11.62
C ARG A 140 1.45 -0.98 -12.26
N ASP A 141 1.98 -1.34 -13.42
CA ASP A 141 3.06 -0.56 -14.02
C ASP A 141 3.00 -0.65 -15.54
N LEU A 142 1.80 -0.67 -16.09
CA LEU A 142 1.60 -0.81 -17.52
C LEU A 142 1.91 0.52 -18.21
N LYS A 143 2.84 0.49 -19.16
CA LYS A 143 3.22 1.70 -19.89
C LYS A 143 3.86 1.32 -21.22
N LEU A 144 3.98 2.32 -22.09
CA LEU A 144 4.50 2.09 -23.44
C LEU A 144 5.89 1.46 -23.42
N GLU A 145 6.68 1.77 -22.39
CA GLU A 145 8.00 1.17 -22.25
C GLU A 145 7.95 -0.31 -21.90
N ASN A 146 6.78 -0.81 -21.48
CA ASN A 146 6.61 -2.23 -21.17
C ASN A 146 6.08 -3.04 -22.35
N ILE A 147 5.17 -2.46 -23.12
CA ILE A 147 4.50 -3.18 -24.20
C ILE A 147 5.51 -3.47 -25.29
N MET A 148 5.96 -4.71 -25.35
CA MET A 148 6.95 -5.12 -26.35
C MET A 148 6.23 -5.51 -27.63
N VAL A 149 6.91 -5.36 -28.76
CA VAL A 149 6.36 -5.67 -30.07
C VAL A 149 7.18 -6.81 -30.67
N LYS A 150 6.51 -7.93 -30.97
CA LYS A 150 7.20 -9.10 -31.49
C LYS A 150 7.24 -9.11 -33.02
N SER A 151 6.28 -8.47 -33.68
CA SER A 151 6.25 -8.44 -35.13
C SER A 151 5.38 -7.28 -35.60
N SER A 152 5.56 -6.89 -36.85
CA SER A 152 4.79 -5.83 -37.48
C SER A 152 4.29 -6.33 -38.82
N LEU A 153 3.16 -5.78 -39.26
CA LEU A 153 2.51 -6.24 -40.48
C LEU A 153 1.70 -5.07 -41.03
N ILE A 154 2.09 -4.55 -42.20
CA ILE A 154 1.34 -3.49 -42.86
C ILE A 154 0.22 -4.12 -43.67
N ASP A 155 -1.02 -3.72 -43.44
CA ASP A 155 -2.16 -4.37 -44.08
C ASP A 155 -2.44 -3.72 -45.45
N ASP A 156 -3.64 -3.95 -45.99
CA ASP A 156 -3.97 -3.43 -47.31
C ASP A 156 -4.19 -1.92 -47.28
N ASN A 157 -4.63 -1.38 -46.16
CA ASN A 157 -4.89 0.05 -46.00
C ASN A 157 -3.64 0.84 -45.63
N ASN A 158 -2.45 0.25 -45.76
CA ASN A 158 -1.20 0.86 -45.29
C ASN A 158 -1.26 1.18 -43.80
N GLU A 159 -1.87 0.28 -43.03
CA GLU A 159 -1.95 0.41 -41.58
C GLU A 159 -1.23 -0.77 -40.94
N ILE A 160 -0.51 -0.49 -39.86
CA ILE A 160 0.40 -1.45 -39.25
C ILE A 160 -0.33 -2.26 -38.19
N ASN A 161 -0.10 -3.57 -38.20
CA ASN A 161 -0.65 -4.50 -37.23
C ASN A 161 0.46 -4.90 -36.27
N LEU A 162 0.28 -4.60 -34.98
CA LEU A 162 1.30 -4.82 -33.96
C LEU A 162 0.91 -5.99 -33.07
N ASN A 163 1.77 -7.02 -33.03
CA ASN A 163 1.61 -8.15 -32.12
C ASN A 163 2.37 -7.82 -30.84
N ILE A 164 1.67 -7.36 -29.82
CA ILE A 164 2.29 -6.78 -28.64
C ILE A 164 2.38 -7.82 -27.53
N LYS A 165 3.34 -7.61 -26.62
CA LYS A 165 3.58 -8.49 -25.48
C LYS A 165 3.82 -7.63 -24.25
N VAL A 166 3.05 -7.87 -23.19
CA VAL A 166 3.20 -7.14 -21.94
C VAL A 166 4.33 -7.74 -21.12
N THR A 167 5.21 -6.90 -20.61
CA THR A 167 6.34 -7.36 -19.80
C THR A 167 6.41 -6.61 -18.48
N ASP A 168 7.49 -6.81 -17.73
CA ASP A 168 7.75 -6.14 -16.46
C ASP A 168 6.64 -6.37 -15.44
N PHE A 169 6.68 -7.51 -14.75
CA PHE A 169 5.73 -7.82 -13.69
C PHE A 169 6.35 -7.67 -12.31
N GLY A 170 7.47 -6.96 -12.20
CA GLY A 170 8.14 -6.81 -10.91
C GLY A 170 7.29 -6.11 -9.86
N LEU A 171 6.45 -5.18 -10.28
CA LEU A 171 5.55 -4.46 -9.37
C LEU A 171 4.15 -5.06 -9.32
N ALA A 172 3.95 -6.20 -9.98
CA ALA A 172 2.64 -6.82 -10.00
C ALA A 172 2.31 -7.40 -8.62
N VAL A 173 1.01 -7.58 -8.37
CA VAL A 173 0.53 -8.13 -7.11
C VAL A 173 -0.57 -9.13 -7.42
N LYS A 174 -0.63 -10.20 -6.61
CA LYS A 174 -1.68 -11.20 -6.71
C LYS A 174 -2.67 -10.94 -5.58
N LYS A 175 -3.50 -9.92 -5.76
CA LYS A 175 -4.47 -9.52 -4.75
C LYS A 175 -5.63 -10.51 -4.67
N THR A 189 -9.44 -3.86 13.07
CA THR A 189 -10.85 -4.00 13.41
C THR A 189 -11.69 -3.21 12.41
N PRO A 190 -12.73 -3.84 11.85
CA PRO A 190 -13.46 -3.20 10.75
C PRO A 190 -14.21 -1.94 11.14
N ILE A 191 -14.70 -1.83 12.37
CA ILE A 191 -15.47 -0.65 12.77
C ILE A 191 -14.60 0.60 12.76
N TYR A 192 -13.29 0.45 12.84
CA TYR A 192 -12.37 1.58 12.81
C TYR A 192 -11.86 1.91 11.43
N MET A 193 -12.21 1.13 10.41
CA MET A 193 -11.55 1.27 9.12
C MET A 193 -12.06 2.49 8.36
N ALA A 194 -11.13 3.18 7.71
CA ALA A 194 -11.39 4.42 6.99
C ALA A 194 -11.89 4.14 5.57
N PRO A 195 -12.67 5.07 5.01
CA PRO A 195 -13.23 4.83 3.66
C PRO A 195 -12.19 4.59 2.59
N GLU A 196 -11.09 5.37 2.57
CA GLU A 196 -10.12 5.24 1.50
C GLU A 196 -9.38 3.89 1.54
N VAL A 197 -9.36 3.22 2.68
CA VAL A 197 -8.80 1.87 2.71
C VAL A 197 -9.75 0.88 2.06
N ILE A 198 -11.05 1.01 2.33
CA ILE A 198 -12.04 0.18 1.66
C ILE A 198 -12.00 0.41 0.14
N SER A 199 -11.84 1.68 -0.27
CA SER A 199 -11.73 1.99 -1.69
C SER A 199 -10.49 1.36 -2.29
N ALA A 200 -9.36 1.41 -1.57
CA ALA A 200 -8.13 0.85 -2.09
C ALA A 200 -8.20 -0.67 -2.16
N HIS A 201 -8.82 -1.31 -1.16
CA HIS A 201 -8.91 -2.76 -1.15
C HIS A 201 -9.93 -3.27 -2.18
N ASP A 202 -10.91 -2.45 -2.52
CA ASP A 202 -11.95 -2.87 -3.46
C ASP A 202 -11.64 -2.45 -4.89
N TYR A 203 -10.80 -1.45 -5.11
CA TYR A 203 -10.55 -0.93 -6.45
C TYR A 203 -9.06 -0.86 -6.76
N SER A 204 -8.29 -1.85 -6.28
CA SER A 204 -6.85 -1.85 -6.50
C SER A 204 -6.47 -2.19 -7.94
N GLN A 205 -7.40 -2.74 -8.72
CA GLN A 205 -7.11 -3.21 -10.07
C GLN A 205 -7.41 -2.17 -11.14
N GLN A 206 -8.12 -1.10 -10.80
CA GLN A 206 -8.53 -0.12 -11.80
C GLN A 206 -7.39 0.76 -12.27
N CYS A 207 -6.23 0.73 -11.60
CA CYS A 207 -5.09 1.51 -12.07
C CYS A 207 -4.58 0.98 -13.40
N ASP A 208 -4.65 -0.34 -13.62
CA ASP A 208 -4.30 -0.89 -14.92
C ASP A 208 -5.22 -0.35 -16.00
N ILE A 209 -6.49 -0.15 -15.66
CA ILE A 209 -7.45 0.42 -16.61
C ILE A 209 -7.07 1.86 -16.95
N TRP A 210 -6.71 2.65 -15.92
CA TRP A 210 -6.23 4.01 -16.17
C TRP A 210 -5.02 4.01 -17.09
N SER A 211 -4.12 3.04 -16.90
CA SER A 211 -2.93 2.95 -17.75
C SER A 211 -3.30 2.68 -19.20
N ILE A 212 -4.31 1.84 -19.43
CA ILE A 212 -4.78 1.60 -20.80
C ILE A 212 -5.30 2.89 -21.41
N GLY A 213 -6.07 3.67 -20.64
CA GLY A 213 -6.55 4.94 -21.15
C GLY A 213 -5.42 5.89 -21.52
N VAL A 214 -4.38 5.94 -20.68
CA VAL A 214 -3.23 6.76 -20.99
C VAL A 214 -2.56 6.28 -22.26
N VAL A 215 -2.34 4.96 -22.36
CA VAL A 215 -1.65 4.39 -23.52
C VAL A 215 -2.44 4.65 -24.79
N MET A 216 -3.77 4.55 -24.73
CA MET A 216 -4.57 4.82 -25.92
C MET A 216 -4.52 6.29 -26.31
N TYR A 217 -4.56 7.19 -25.33
CA TYR A 217 -4.47 8.62 -25.64
C TYR A 217 -3.14 8.93 -26.33
N MET A 218 -2.03 8.40 -25.81
CA MET A 218 -0.74 8.68 -26.42
C MET A 218 -0.62 8.07 -27.82
N LEU A 219 -1.26 6.91 -28.05
CA LEU A 219 -1.19 6.32 -29.38
C LEU A 219 -1.98 7.13 -30.40
N LEU A 220 -3.11 7.68 -30.00
CA LEU A 220 -3.92 8.48 -30.90
C LEU A 220 -3.34 9.88 -31.06
N ARG A 221 -3.00 10.51 -29.93
CA ARG A 221 -2.57 11.90 -29.86
C ARG A 221 -1.08 12.06 -30.15
N GLY A 222 -0.24 11.25 -29.51
CA GLY A 222 1.20 11.38 -29.59
C GLY A 222 1.83 12.07 -28.41
N GLU A 223 1.03 12.46 -27.41
CA GLU A 223 1.46 13.15 -26.21
C GLU A 223 0.68 12.59 -25.04
N PRO A 224 1.25 12.64 -23.83
CA PRO A 224 0.51 12.17 -22.67
C PRO A 224 -0.71 13.03 -22.45
N PRO A 225 -1.78 12.48 -21.85
CA PRO A 225 -2.99 13.27 -21.63
C PRO A 225 -2.82 14.35 -20.57
N PHE A 226 -1.88 14.16 -19.64
CA PHE A 226 -1.62 15.13 -18.59
C PHE A 226 -0.11 15.35 -18.51
N LEU A 227 0.31 16.59 -18.69
CA LEU A 227 1.72 16.94 -18.66
C LEU A 227 1.85 18.34 -18.07
N ALA A 228 2.92 18.55 -17.32
CA ALA A 228 3.14 19.82 -16.65
C ALA A 228 4.63 20.05 -16.46
N SER A 229 4.97 21.20 -15.90
CA SER A 229 6.37 21.57 -15.68
C SER A 229 6.89 21.10 -14.33
N SER A 230 6.01 20.72 -13.42
CA SER A 230 6.41 20.21 -12.11
C SER A 230 5.52 19.03 -11.74
N GLU A 231 6.01 18.22 -10.80
CA GLU A 231 5.25 17.06 -10.34
C GLU A 231 3.94 17.49 -9.67
N GLU A 232 4.01 18.53 -8.84
CA GLU A 232 2.82 18.99 -8.14
C GLU A 232 1.77 19.49 -9.11
N LYS A 233 2.18 20.22 -10.14
CA LYS A 233 1.24 20.63 -11.18
C LYS A 233 0.73 19.44 -11.98
N LEU A 234 1.56 18.41 -12.17
CA LEU A 234 1.12 17.21 -12.87
C LEU A 234 0.08 16.45 -12.05
N PHE A 235 0.31 16.29 -10.75
CA PHE A 235 -0.68 15.62 -9.91
C PHE A 235 -2.01 16.38 -9.90
N GLU A 236 -1.97 17.71 -9.87
CA GLU A 236 -3.22 18.47 -9.86
C GLU A 236 -4.02 18.21 -11.13
N LEU A 237 -3.33 18.12 -12.27
CA LEU A 237 -4.00 17.77 -13.52
C LEU A 237 -4.61 16.38 -13.47
N ILE A 238 -3.90 15.41 -12.89
CA ILE A 238 -4.38 14.03 -12.88
C ILE A 238 -5.61 13.90 -11.99
N ARG A 239 -5.57 14.47 -10.78
CA ARG A 239 -6.72 14.37 -9.89
C ARG A 239 -7.93 15.11 -10.41
N LYS A 240 -7.74 16.11 -11.26
CA LYS A 240 -8.87 16.76 -11.91
C LYS A 240 -9.36 15.96 -13.11
N GLY A 241 -8.43 15.31 -13.82
CA GLY A 241 -8.76 14.40 -14.91
C GLY A 241 -9.59 15.02 -16.02
N GLU A 242 -9.13 16.13 -16.59
CA GLU A 242 -9.81 16.79 -17.69
C GLU A 242 -9.21 16.33 -19.01
N LEU A 243 -10.05 15.77 -19.88
CA LEU A 243 -9.62 15.20 -21.15
C LEU A 243 -9.87 16.22 -22.25
N HIS A 244 -8.80 16.74 -22.84
CA HIS A 244 -8.88 17.78 -23.86
C HIS A 244 -8.75 17.13 -25.24
N PHE A 245 -9.86 17.08 -25.98
CA PHE A 245 -9.87 16.59 -27.35
C PHE A 245 -9.86 17.74 -28.36
N GLU A 246 -9.07 18.78 -28.12
CA GLU A 246 -9.12 19.96 -28.97
C GLU A 246 -8.09 19.95 -30.10
N ASN A 247 -7.13 19.03 -30.09
CA ASN A 247 -6.12 19.04 -31.14
C ASN A 247 -6.76 18.65 -32.49
N ALA A 248 -5.99 18.87 -33.57
CA ALA A 248 -6.50 18.65 -34.92
C ALA A 248 -6.65 17.18 -35.27
N VAL A 249 -6.00 16.26 -34.53
CA VAL A 249 -6.12 14.85 -34.84
C VAL A 249 -7.32 14.22 -34.17
N TRP A 250 -7.97 14.94 -33.25
CA TRP A 250 -9.19 14.46 -32.63
C TRP A 250 -10.39 14.62 -33.54
N ASN A 251 -10.32 15.53 -34.51
CA ASN A 251 -11.44 15.76 -35.40
C ASN A 251 -11.76 14.52 -36.23
N SER A 252 -10.73 13.75 -36.59
CA SER A 252 -10.85 12.51 -37.35
C SER A 252 -11.08 11.29 -36.47
N ILE A 253 -11.08 11.43 -35.15
CA ILE A 253 -11.26 10.31 -34.25
C ILE A 253 -12.74 10.18 -33.90
N SER A 254 -13.27 8.97 -34.03
CA SER A 254 -14.70 8.74 -33.85
C SER A 254 -15.15 9.12 -32.44
N ASP A 255 -16.45 9.42 -32.32
CA ASP A 255 -16.98 9.73 -30.99
C ASP A 255 -16.93 8.51 -30.08
N CYS A 256 -17.01 7.31 -30.64
CA CYS A 256 -16.94 6.11 -29.82
C CYS A 256 -15.57 5.96 -29.18
N ALA A 257 -14.50 6.34 -29.89
CA ALA A 257 -13.16 6.24 -29.32
C ALA A 257 -12.96 7.23 -28.17
N LYS A 258 -13.53 8.45 -28.31
CA LYS A 258 -13.43 9.43 -27.22
C LYS A 258 -14.31 9.04 -26.05
N SER A 259 -15.43 8.36 -26.31
CA SER A 259 -16.28 7.90 -25.21
C SER A 259 -15.58 6.86 -24.38
N VAL A 260 -14.94 5.89 -25.02
CA VAL A 260 -14.20 4.87 -24.27
C VAL A 260 -12.98 5.47 -23.58
N LEU A 261 -12.39 6.51 -24.18
CA LEU A 261 -11.30 7.22 -23.52
C LEU A 261 -11.78 7.84 -22.20
N LYS A 262 -12.92 8.52 -22.23
CA LYS A 262 -13.45 9.10 -21.00
C LYS A 262 -13.82 8.02 -19.98
N GLN A 263 -14.23 6.84 -20.45
CA GLN A 263 -14.58 5.77 -19.53
C GLN A 263 -13.36 5.09 -18.93
N LEU A 264 -12.26 5.00 -19.69
CA LEU A 264 -11.04 4.39 -19.16
C LEU A 264 -10.31 5.32 -18.20
N MET A 265 -10.60 6.61 -18.24
CA MET A 265 -9.90 7.58 -17.41
C MET A 265 -10.86 8.33 -16.50
N LYS A 266 -11.93 7.65 -16.06
CA LYS A 266 -12.76 8.16 -14.98
C LYS A 266 -11.90 8.34 -13.72
N VAL A 267 -11.98 9.53 -13.13
CA VAL A 267 -11.13 9.84 -11.98
C VAL A 267 -11.46 8.91 -10.81
N ASP A 268 -12.74 8.73 -10.53
CA ASP A 268 -13.15 7.80 -9.49
C ASP A 268 -12.99 6.37 -9.99
N PRO A 269 -12.14 5.54 -9.37
CA PRO A 269 -12.07 4.13 -9.80
C PRO A 269 -13.37 3.38 -9.64
N ALA A 270 -14.27 3.85 -8.77
CA ALA A 270 -15.59 3.23 -8.64
C ALA A 270 -16.34 3.30 -9.96
N HIS A 271 -16.25 4.42 -10.66
CA HIS A 271 -16.98 4.65 -11.90
C HIS A 271 -16.13 4.36 -13.13
N ARG A 272 -14.85 4.02 -12.96
CA ARG A 272 -14.01 3.66 -14.08
C ARG A 272 -14.37 2.28 -14.63
N ILE A 273 -14.49 2.20 -15.95
CA ILE A 273 -14.89 0.95 -16.61
C ILE A 273 -13.90 -0.16 -16.26
N THR A 274 -14.38 -1.40 -16.27
CA THR A 274 -13.56 -2.55 -15.95
C THR A 274 -13.02 -3.21 -17.21
N ALA A 275 -12.11 -4.17 -17.01
CA ALA A 275 -11.49 -4.85 -18.14
C ALA A 275 -12.50 -5.68 -18.91
N LYS A 276 -13.38 -6.41 -18.20
CA LYS A 276 -14.39 -7.20 -18.88
C LYS A 276 -15.39 -6.30 -19.60
N GLU A 277 -15.77 -5.19 -18.97
CA GLU A 277 -16.63 -4.22 -19.64
C GLU A 277 -15.92 -3.61 -20.85
N LEU A 278 -14.61 -3.37 -20.73
CA LEU A 278 -13.84 -2.84 -21.85
C LEU A 278 -13.91 -3.78 -23.05
N LEU A 279 -13.63 -5.07 -22.83
CA LEU A 279 -13.70 -6.05 -23.91
C LEU A 279 -15.06 -6.08 -24.59
N ASP A 280 -16.12 -5.76 -23.84
CA ASP A 280 -17.47 -5.76 -24.37
C ASP A 280 -17.88 -4.43 -24.98
N ASN A 281 -17.00 -3.44 -25.00
CA ASN A 281 -17.37 -2.12 -25.48
C ASN A 281 -17.48 -2.11 -27.00
N GLN A 282 -18.34 -1.21 -27.50
CA GLN A 282 -18.65 -1.16 -28.93
C GLN A 282 -17.42 -0.83 -29.79
N TRP A 283 -16.48 -0.04 -29.26
CA TRP A 283 -15.34 0.40 -30.06
C TRP A 283 -14.41 -0.75 -30.43
N LEU A 284 -14.24 -1.73 -29.54
CA LEU A 284 -13.44 -2.90 -29.89
C LEU A 284 -14.23 -3.95 -30.66
N THR A 285 -15.55 -3.81 -30.74
CA THR A 285 -16.39 -4.76 -31.46
C THR A 285 -17.06 -4.09 -32.66
N GLY B 2 18.61 8.91 25.89
CA GLY B 2 19.43 8.41 24.79
C GLY B 2 18.70 7.41 23.92
N LYS B 3 19.27 6.22 23.79
CA LYS B 3 18.68 5.16 22.97
C LYS B 3 18.50 3.90 23.79
N VAL B 4 17.57 3.07 23.34
CA VAL B 4 17.12 1.91 24.11
C VAL B 4 18.17 0.80 24.02
N PRO B 5 18.58 0.22 25.14
CA PRO B 5 19.51 -0.92 25.07
C PRO B 5 18.84 -2.16 24.53
N HIS B 6 19.52 -2.84 23.60
CA HIS B 6 19.07 -4.11 23.03
C HIS B 6 20.02 -5.20 23.54
N ILE B 7 19.71 -5.76 24.70
CA ILE B 7 20.60 -6.69 25.39
C ILE B 7 20.31 -8.10 24.91
N ARG B 8 21.33 -8.77 24.39
CA ARG B 8 21.20 -10.14 23.89
C ARG B 8 21.65 -11.13 24.97
N ILE B 9 20.73 -11.97 25.43
CA ILE B 9 21.00 -12.94 26.48
C ILE B 9 20.67 -14.33 25.95
N GLU B 10 20.78 -15.34 26.79
CA GLU B 10 20.68 -16.72 26.33
C GLU B 10 19.52 -17.51 26.91
N ASN B 11 18.86 -17.02 27.95
CA ASN B 11 17.69 -17.71 28.50
C ASN B 11 16.91 -16.74 29.38
N GLY B 12 15.78 -17.23 29.90
CA GLY B 12 14.92 -16.42 30.74
C GLY B 12 15.54 -16.04 32.07
N ALA B 13 16.42 -16.88 32.62
CA ALA B 13 17.02 -16.56 33.91
C ALA B 13 17.89 -15.32 33.85
N ALA B 14 18.51 -15.04 32.70
CA ALA B 14 19.35 -13.85 32.59
C ALA B 14 18.54 -12.57 32.81
N ILE B 15 17.34 -12.50 32.21
CA ILE B 15 16.47 -11.35 32.45
C ILE B 15 15.79 -11.46 33.81
N GLU B 16 15.58 -12.67 34.32
CA GLU B 16 15.03 -12.83 35.66
C GLU B 16 15.99 -12.41 36.75
N GLU B 17 17.28 -12.25 36.45
CA GLU B 17 18.21 -11.68 37.42
C GLU B 17 17.89 -10.21 37.70
N ILE B 18 17.34 -9.52 36.71
CA ILE B 18 17.05 -8.09 36.83
C ILE B 18 15.64 -7.84 37.33
N TYR B 19 14.67 -8.59 36.82
CA TYR B 19 13.26 -8.37 37.11
C TYR B 19 12.65 -9.57 37.80
N THR B 20 11.69 -9.28 38.68
CA THR B 20 10.85 -10.29 39.27
C THR B 20 9.58 -10.38 38.43
N PHE B 21 9.34 -11.54 37.84
CA PHE B 21 8.19 -11.70 36.96
C PHE B 21 6.93 -11.89 37.79
N GLY B 22 5.86 -11.21 37.38
CA GLY B 22 4.63 -11.24 38.14
C GLY B 22 3.47 -11.82 37.36
N ARG B 23 2.27 -11.33 37.63
CA ARG B 23 1.06 -11.89 37.04
C ARG B 23 0.95 -11.51 35.57
N ILE B 24 0.14 -12.30 34.86
CA ILE B 24 -0.11 -12.11 33.44
C ILE B 24 -1.22 -11.08 33.26
N LEU B 25 -0.99 -10.10 32.40
CA LEU B 25 -1.96 -9.04 32.18
C LEU B 25 -2.75 -9.19 30.90
N GLY B 26 -2.20 -9.83 29.88
CA GLY B 26 -2.91 -10.00 28.62
C GLY B 26 -2.29 -11.11 27.81
N LYS B 27 -3.11 -11.70 26.93
CA LYS B 27 -2.65 -12.78 26.07
C LYS B 27 -3.40 -12.74 24.75
N GLY B 28 -2.69 -13.09 23.69
CA GLY B 28 -3.29 -13.12 22.37
C GLY B 28 -2.28 -13.56 21.35
N SER B 29 -2.54 -13.24 20.09
CA SER B 29 -1.60 -13.57 19.03
C SER B 29 -0.32 -12.76 19.12
N PHE B 30 -0.31 -11.69 19.92
CA PHE B 30 0.87 -10.85 20.13
C PHE B 30 1.85 -11.43 21.15
N GLY B 31 1.57 -12.61 21.71
CA GLY B 31 2.36 -13.09 22.82
C GLY B 31 1.65 -12.87 24.13
N ILE B 32 2.38 -12.75 25.24
CA ILE B 32 1.76 -12.46 26.53
C ILE B 32 2.51 -11.31 27.19
N VAL B 33 1.78 -10.53 27.99
CA VAL B 33 2.31 -9.39 28.71
C VAL B 33 2.19 -9.67 30.20
N ILE B 34 3.31 -9.65 30.90
CA ILE B 34 3.32 -9.87 32.35
C ILE B 34 3.76 -8.59 33.05
N GLU B 35 3.30 -8.44 34.29
CA GLU B 35 3.88 -7.46 35.19
C GLU B 35 5.27 -7.88 35.63
N ALA B 36 6.14 -6.90 35.85
CA ALA B 36 7.50 -7.17 36.28
C ALA B 36 7.96 -6.04 37.19
N THR B 37 8.86 -6.37 38.10
CA THR B 37 9.38 -5.41 39.08
C THR B 37 10.90 -5.43 39.00
N ASP B 38 11.48 -4.25 38.79
CA ASP B 38 12.94 -4.11 38.81
C ASP B 38 13.47 -4.42 40.20
N LYS B 39 14.31 -5.45 40.30
CA LYS B 39 14.88 -5.80 41.61
C LYS B 39 15.72 -4.65 42.15
N GLU B 40 16.41 -3.92 41.26
CA GLU B 40 17.29 -2.85 41.72
C GLU B 40 16.49 -1.64 42.19
N THR B 41 15.55 -1.17 41.38
CA THR B 41 14.84 0.06 41.67
C THR B 41 13.45 -0.14 42.23
N GLU B 42 12.91 -1.37 42.20
CA GLU B 42 11.57 -1.69 42.68
C GLU B 42 10.47 -1.04 41.84
N THR B 43 10.82 -0.58 40.64
CA THR B 43 9.86 0.07 39.76
C THR B 43 9.05 -1.00 39.02
N LYS B 44 7.75 -0.72 38.85
CA LYS B 44 6.85 -1.64 38.18
C LYS B 44 6.91 -1.42 36.67
N TRP B 45 7.00 -2.51 35.91
CA TRP B 45 7.06 -2.46 34.46
C TRP B 45 6.10 -3.48 33.87
N ALA B 46 5.99 -3.44 32.54
CA ALA B 46 5.24 -4.43 31.77
C ALA B 46 6.18 -5.05 30.74
N ILE B 47 6.28 -6.37 30.75
CA ILE B 47 7.16 -7.10 29.85
C ILE B 47 6.32 -7.88 28.85
N LYS B 48 6.51 -7.58 27.57
CA LYS B 48 5.83 -8.28 26.48
C LYS B 48 6.75 -9.39 25.96
N LYS B 49 6.39 -10.64 26.27
CA LYS B 49 7.14 -11.79 25.78
C LYS B 49 6.54 -12.30 24.48
N VAL B 50 7.38 -12.40 23.44
CA VAL B 50 6.99 -12.95 22.15
C VAL B 50 7.91 -14.12 21.87
N ASN B 51 7.32 -15.32 21.69
CA ASN B 51 8.09 -16.51 21.38
C ASN B 51 8.41 -16.51 19.89
N LYS B 52 9.70 -16.35 19.56
CA LYS B 52 10.12 -16.27 18.16
C LYS B 52 9.93 -17.59 17.42
N GLU B 53 9.84 -18.70 18.13
CA GLU B 53 9.70 -20.00 17.50
C GLU B 53 8.25 -20.38 17.25
N LYS B 54 7.33 -19.84 18.04
CA LYS B 54 5.90 -20.06 17.77
C LYS B 54 5.48 -19.36 16.49
N ALA B 55 5.81 -18.08 16.37
CA ALA B 55 5.48 -17.30 15.18
C ALA B 55 6.63 -17.34 14.18
N GLY B 56 6.31 -17.71 12.94
CA GLY B 56 7.25 -17.74 11.84
C GLY B 56 7.94 -16.45 11.49
N SER B 57 8.69 -16.46 10.39
CA SER B 57 9.44 -15.28 9.96
C SER B 57 8.53 -14.11 9.60
N SER B 58 7.26 -14.38 9.29
CA SER B 58 6.34 -13.29 8.98
C SER B 58 6.09 -12.41 10.21
N ALA B 59 5.56 -13.00 11.28
CA ALA B 59 5.28 -12.23 12.48
C ALA B 59 6.54 -11.75 13.18
N VAL B 60 7.70 -12.35 12.88
CA VAL B 60 8.94 -11.86 13.49
C VAL B 60 9.43 -10.62 12.75
N LYS B 61 9.31 -10.58 11.42
CA LYS B 61 9.67 -9.38 10.69
C LYS B 61 8.75 -8.22 11.04
N LEU B 62 7.47 -8.51 11.31
CA LEU B 62 6.57 -7.49 11.83
C LEU B 62 7.07 -6.97 13.16
N LEU B 63 7.43 -7.88 14.08
CA LEU B 63 7.87 -7.48 15.42
C LEU B 63 9.17 -6.69 15.37
N GLU B 64 10.00 -6.90 14.34
CA GLU B 64 11.25 -6.16 14.25
C GLU B 64 11.01 -4.70 13.86
N ARG B 65 10.01 -4.44 13.02
CA ARG B 65 9.71 -3.05 12.66
C ARG B 65 9.01 -2.34 13.81
N GLU B 66 8.16 -3.06 14.55
CA GLU B 66 7.53 -2.49 15.74
C GLU B 66 8.57 -2.06 16.76
N VAL B 67 9.57 -2.92 17.00
CA VAL B 67 10.63 -2.57 17.93
C VAL B 67 11.45 -1.39 17.38
N ASN B 68 11.75 -1.39 16.09
CA ASN B 68 12.51 -0.30 15.50
C ASN B 68 11.79 1.03 15.60
N ILE B 69 10.44 1.01 15.53
CA ILE B 69 9.70 2.26 15.67
C ILE B 69 9.63 2.69 17.13
N LEU B 70 9.42 1.74 18.05
CA LEU B 70 9.39 2.11 19.47
C LEU B 70 10.74 2.61 19.96
N LYS B 71 11.83 2.17 19.32
CA LYS B 71 13.15 2.64 19.72
C LYS B 71 13.33 4.12 19.39
N SER B 72 12.80 4.57 18.25
CA SER B 72 13.04 5.92 17.77
C SER B 72 12.03 6.95 18.26
N VAL B 73 10.86 6.52 18.76
CA VAL B 73 9.84 7.46 19.19
C VAL B 73 10.09 7.85 20.64
N LYS B 74 9.71 9.08 20.96
CA LYS B 74 9.72 9.55 22.34
C LYS B 74 8.62 10.59 22.50
N HIS B 75 7.61 10.26 23.31
CA HIS B 75 6.45 11.13 23.48
C HIS B 75 5.74 10.78 24.77
N GLU B 76 5.17 11.80 25.42
CA GLU B 76 4.53 11.60 26.72
C GLU B 76 3.32 10.68 26.66
N HIS B 77 2.71 10.52 25.48
CA HIS B 77 1.54 9.67 25.31
C HIS B 77 1.78 8.56 24.31
N ILE B 78 3.04 8.26 24.01
CA ILE B 78 3.42 7.06 23.28
C ILE B 78 4.20 6.18 24.24
N ILE B 79 3.84 4.90 24.29
CA ILE B 79 4.38 4.00 25.30
C ILE B 79 5.90 4.02 25.28
N HIS B 80 6.51 4.03 26.47
CA HIS B 80 7.96 4.10 26.60
C HIS B 80 8.56 2.70 26.57
N LEU B 81 9.51 2.49 25.66
CA LEU B 81 10.26 1.24 25.60
C LEU B 81 11.53 1.44 26.43
N GLU B 82 11.61 0.77 27.57
CA GLU B 82 12.77 0.91 28.44
C GLU B 82 13.97 0.16 27.85
N GLN B 83 13.85 -1.16 27.74
CA GLN B 83 14.92 -2.00 27.20
C GLN B 83 14.31 -3.12 26.37
N VAL B 84 15.16 -3.78 25.61
CA VAL B 84 14.80 -4.97 24.84
C VAL B 84 15.81 -6.07 25.13
N PHE B 85 15.32 -7.21 25.59
CA PHE B 85 16.14 -8.40 25.80
C PHE B 85 15.77 -9.45 24.75
N GLU B 86 16.77 -10.20 24.29
CA GLU B 86 16.56 -11.17 23.22
C GLU B 86 17.33 -12.44 23.53
N THR B 87 16.61 -13.50 23.86
CA THR B 87 17.16 -14.85 23.86
C THR B 87 17.07 -15.44 22.46
N PRO B 88 17.71 -16.60 22.21
CA PRO B 88 17.54 -17.24 20.90
C PRO B 88 16.11 -17.68 20.62
N LYS B 89 15.32 -17.95 21.66
CA LYS B 89 13.96 -18.43 21.48
C LYS B 89 12.90 -17.35 21.65
N LYS B 90 13.04 -16.50 22.67
CA LYS B 90 12.06 -15.46 22.99
C LYS B 90 12.64 -14.07 22.78
N MET B 91 11.75 -13.08 22.77
CA MET B 91 12.14 -11.69 22.75
C MET B 91 11.31 -10.95 23.79
N TYR B 92 11.97 -10.10 24.58
CA TYR B 92 11.36 -9.44 25.73
C TYR B 92 11.37 -7.93 25.53
N LEU B 93 10.21 -7.30 25.67
CA LEU B 93 10.07 -5.85 25.54
C LEU B 93 9.65 -5.28 26.89
N VAL B 94 10.58 -4.60 27.56
CA VAL B 94 10.31 -3.95 28.84
C VAL B 94 9.74 -2.57 28.58
N MET B 95 8.51 -2.33 29.04
CA MET B 95 7.81 -1.09 28.77
C MET B 95 7.18 -0.55 30.05
N GLU B 96 6.86 0.74 30.03
CA GLU B 96 6.21 1.37 31.17
C GLU B 96 4.83 0.74 31.40
N LEU B 97 4.48 0.56 32.66
CA LEU B 97 3.27 -0.16 33.04
C LEU B 97 2.07 0.77 33.03
N CYS B 98 1.01 0.35 32.36
CA CYS B 98 -0.27 1.06 32.36
C CYS B 98 -1.24 0.23 33.20
N GLU B 99 -1.24 0.49 34.51
CA GLU B 99 -1.98 -0.35 35.45
C GLU B 99 -3.48 -0.33 35.20
N ASP B 100 -4.01 0.75 34.62
CA ASP B 100 -5.44 0.91 34.49
C ASP B 100 -6.00 0.26 33.23
N GLY B 101 -5.16 -0.45 32.48
CA GLY B 101 -5.62 -1.26 31.37
C GLY B 101 -5.95 -0.47 30.12
N GLU B 102 -6.75 -1.10 29.26
CA GLU B 102 -7.12 -0.56 27.97
C GLU B 102 -8.33 0.35 28.08
N LEU B 103 -8.38 1.35 27.19
CA LEU B 103 -9.48 2.31 27.23
C LEU B 103 -10.81 1.67 26.84
N LYS B 104 -10.78 0.60 26.05
CA LYS B 104 -12.01 -0.10 25.69
C LYS B 104 -12.69 -0.68 26.91
N GLU B 105 -11.91 -1.26 27.83
CA GLU B 105 -12.50 -1.83 29.03
C GLU B 105 -13.12 -0.75 29.92
N ILE B 106 -12.48 0.42 30.00
CA ILE B 106 -12.99 1.50 30.83
C ILE B 106 -14.28 2.08 30.25
N LEU B 107 -14.35 2.22 28.93
CA LEU B 107 -15.56 2.75 28.31
C LEU B 107 -16.75 1.81 28.52
N ASP B 108 -16.51 0.50 28.42
CA ASP B 108 -17.58 -0.47 28.58
C ASP B 108 -18.13 -0.47 30.01
N ARG B 109 -17.28 -0.19 31.00
CA ARG B 109 -17.71 -0.16 32.39
C ARG B 109 -18.28 1.19 32.81
N LYS B 110 -17.92 2.27 32.11
CA LYS B 110 -18.40 3.59 32.45
C LYS B 110 -19.63 4.00 31.65
N GLY B 111 -19.76 3.51 30.42
CA GLY B 111 -20.86 3.88 29.56
C GLY B 111 -20.45 4.89 28.50
N HIS B 112 -20.19 6.12 28.94
CA HIS B 112 -19.67 7.16 28.05
C HIS B 112 -18.98 8.21 28.91
N PHE B 113 -18.29 9.12 28.24
CA PHE B 113 -17.47 10.14 28.90
C PHE B 113 -18.06 11.53 28.69
N SER B 114 -17.71 12.43 29.60
CA SER B 114 -18.09 13.82 29.45
C SER B 114 -17.34 14.46 28.28
N GLU B 115 -17.79 15.66 27.90
CA GLU B 115 -17.14 16.36 26.80
C GLU B 115 -15.74 16.82 27.19
N ASN B 116 -15.54 17.21 28.45
CA ASN B 116 -14.22 17.62 28.90
C ASN B 116 -13.28 16.42 29.01
N GLU B 117 -13.81 15.28 29.48
CA GLU B 117 -12.99 14.07 29.57
C GLU B 117 -12.59 13.57 28.19
N THR B 118 -13.52 13.60 27.23
CA THR B 118 -13.17 13.27 25.85
C THR B 118 -12.19 14.29 25.30
N ARG B 119 -12.36 15.56 25.67
CA ARG B 119 -11.47 16.61 25.21
C ARG B 119 -10.03 16.33 25.60
N TRP B 120 -9.81 15.91 26.84
CA TRP B 120 -8.47 15.61 27.33
C TRP B 120 -7.86 14.43 26.60
N ILE B 121 -8.65 13.36 26.39
CA ILE B 121 -8.14 12.18 25.73
C ILE B 121 -7.80 12.46 24.27
N ILE B 122 -8.69 13.18 23.57
CA ILE B 122 -8.45 13.47 22.17
C ILE B 122 -7.25 14.40 22.01
N GLN B 123 -7.04 15.32 22.97
CA GLN B 123 -5.87 16.18 22.91
C GLN B 123 -4.59 15.37 23.00
N SER B 124 -4.54 14.40 23.92
CA SER B 124 -3.38 13.52 24.02
C SER B 124 -3.20 12.70 22.75
N LEU B 125 -4.29 12.16 22.20
CA LEU B 125 -4.21 11.48 20.91
C LEU B 125 -3.72 12.42 19.82
N ALA B 126 -4.26 13.64 19.78
CA ALA B 126 -3.89 14.59 18.74
C ALA B 126 -2.40 14.93 18.80
N SER B 127 -1.87 15.11 20.02
CA SER B 127 -0.45 15.41 20.17
C SER B 127 0.42 14.24 19.71
N ALA B 128 0.06 13.02 20.11
CA ALA B 128 0.87 11.86 19.76
C ALA B 128 0.80 11.57 18.27
N ILE B 129 -0.39 11.68 17.67
CA ILE B 129 -0.52 11.40 16.24
C ILE B 129 0.18 12.49 15.42
N ALA B 130 0.15 13.74 15.89
CA ALA B 130 0.89 14.80 15.21
C ALA B 130 2.39 14.56 15.30
N TYR B 131 2.86 14.08 16.46
CA TYR B 131 4.27 13.71 16.59
C TYR B 131 4.66 12.65 15.58
N LEU B 132 3.86 11.58 15.48
CA LEU B 132 4.19 10.49 14.56
C LEU B 132 4.19 10.96 13.11
N HIS B 133 3.19 11.74 12.72
CA HIS B 133 3.11 12.21 11.34
C HIS B 133 4.26 13.14 10.99
N ASN B 134 4.67 13.99 11.94
CA ASN B 134 5.80 14.87 11.69
C ASN B 134 7.09 14.08 11.49
N ASN B 135 7.17 12.88 12.05
CA ASN B 135 8.32 12.00 11.87
C ASN B 135 8.04 10.93 10.82
N ASP B 136 7.13 11.19 9.89
CA ASP B 136 6.83 10.32 8.74
C ASP B 136 6.31 8.95 9.17
N ILE B 137 5.75 8.84 10.37
CA ILE B 137 5.26 7.57 10.91
C ILE B 137 3.73 7.60 10.93
N VAL B 138 3.12 6.54 10.41
CA VAL B 138 1.67 6.36 10.41
C VAL B 138 1.37 5.12 11.24
N HIS B 139 0.44 5.25 12.18
CA HIS B 139 0.12 4.14 13.08
C HIS B 139 -0.65 3.03 12.36
N ARG B 140 -1.70 3.40 11.60
CA ARG B 140 -2.51 2.51 10.77
C ARG B 140 -3.42 1.59 11.55
N ASP B 141 -3.44 1.65 12.88
CA ASP B 141 -4.23 0.69 13.65
C ASP B 141 -4.68 1.29 14.98
N LEU B 142 -5.00 2.59 14.98
CA LEU B 142 -5.36 3.26 16.22
C LEU B 142 -6.79 2.90 16.62
N LYS B 143 -6.96 2.36 17.82
CA LYS B 143 -8.28 1.98 18.30
C LYS B 143 -8.25 1.90 19.83
N LEU B 144 -9.44 1.86 20.43
CA LEU B 144 -9.57 1.88 21.88
C LEU B 144 -8.83 0.73 22.54
N GLU B 145 -8.74 -0.42 21.86
CA GLU B 145 -8.01 -1.56 22.39
C GLU B 145 -6.51 -1.34 22.47
N ASN B 146 -6.00 -0.30 21.81
CA ASN B 146 -4.60 0.08 21.88
C ASN B 146 -4.32 1.16 22.92
N ILE B 147 -5.25 2.09 23.12
CA ILE B 147 -5.05 3.22 24.01
C ILE B 147 -5.02 2.74 25.45
N MET B 148 -3.82 2.66 26.02
CA MET B 148 -3.62 2.26 27.41
C MET B 148 -3.73 3.46 28.33
N VAL B 149 -4.15 3.19 29.56
CA VAL B 149 -4.31 4.23 30.58
C VAL B 149 -3.34 3.92 31.71
N LYS B 150 -2.44 4.87 31.99
CA LYS B 150 -1.43 4.67 33.02
C LYS B 150 -1.87 5.16 34.40
N SER B 151 -2.74 6.16 34.46
CA SER B 151 -3.18 6.71 35.74
C SER B 151 -4.49 7.47 35.54
N SER B 152 -5.19 7.70 36.64
CA SER B 152 -6.47 8.39 36.63
C SER B 152 -6.50 9.52 37.65
N LEU B 153 -7.35 10.51 37.39
CA LEU B 153 -7.48 11.66 38.27
C LEU B 153 -8.86 12.27 38.16
N ILE B 154 -9.65 12.17 39.22
CA ILE B 154 -10.88 12.94 39.36
C ILE B 154 -10.54 14.28 39.99
N ASP B 155 -10.87 15.35 39.28
CA ASP B 155 -10.53 16.69 39.70
C ASP B 155 -11.68 17.24 40.57
N ASP B 156 -11.71 18.56 40.78
CA ASP B 156 -12.76 19.14 41.59
C ASP B 156 -14.11 19.13 40.88
N ASN B 157 -14.11 19.12 39.55
CA ASN B 157 -15.35 19.10 38.79
C ASN B 157 -15.94 17.69 38.68
N ASN B 158 -15.42 16.73 39.44
CA ASN B 158 -15.83 15.33 39.36
C ASN B 158 -15.71 14.83 37.92
N GLU B 159 -14.64 15.24 37.24
CA GLU B 159 -14.35 14.84 35.88
C GLU B 159 -13.04 14.07 35.88
N ILE B 160 -12.97 13.00 35.09
CA ILE B 160 -11.85 12.07 35.14
C ILE B 160 -10.79 12.51 34.13
N ASN B 161 -9.54 12.54 34.56
CA ASN B 161 -8.39 12.84 33.70
C ASN B 161 -7.62 11.55 33.46
N LEU B 162 -7.51 11.16 32.19
CA LEU B 162 -6.88 9.91 31.81
C LEU B 162 -5.54 10.19 31.16
N ASN B 163 -4.47 9.64 31.74
CA ASN B 163 -3.14 9.70 31.18
C ASN B 163 -2.99 8.50 30.25
N ILE B 164 -3.16 8.73 28.95
CA ILE B 164 -3.27 7.65 27.98
C ILE B 164 -1.92 7.39 27.34
N LYS B 165 -1.75 6.17 26.84
CA LYS B 165 -0.53 5.74 26.18
C LYS B 165 -0.89 4.96 24.92
N VAL B 166 -0.34 5.39 23.78
CA VAL B 166 -0.58 4.71 22.52
C VAL B 166 0.36 3.53 22.40
N THR B 167 -0.19 2.36 22.04
CA THR B 167 0.62 1.15 21.89
C THR B 167 0.34 0.47 20.55
N ASP B 168 0.88 -0.74 20.38
CA ASP B 168 0.68 -1.56 19.18
C ASP B 168 1.15 -0.85 17.91
N PHE B 169 2.45 -0.91 17.64
CA PHE B 169 3.03 -0.34 16.43
C PHE B 169 3.40 -1.41 15.40
N GLY B 170 2.88 -2.63 15.56
CA GLY B 170 3.20 -3.69 14.62
C GLY B 170 2.77 -3.41 13.20
N LEU B 171 1.70 -2.66 13.02
CA LEU B 171 1.19 -2.32 11.70
C LEU B 171 1.65 -0.96 11.22
N ALA B 172 2.50 -0.27 11.97
CA ALA B 172 2.93 1.06 11.59
C ALA B 172 3.90 1.02 10.40
N VAL B 173 3.96 2.15 9.69
CA VAL B 173 4.80 2.31 8.51
C VAL B 173 5.40 3.70 8.52
N LYS B 174 6.61 3.83 7.96
CA LYS B 174 7.22 5.13 7.77
C LYS B 174 7.08 5.55 6.31
N LYS B 175 6.70 6.81 6.10
CA LYS B 175 6.47 7.32 4.76
C LYS B 175 7.80 7.53 4.04
N GLN B 176 7.72 7.96 2.79
CA GLN B 176 8.90 8.20 1.97
C GLN B 176 8.76 9.48 1.15
N GLY B 188 7.47 3.96 -10.27
CA GLY B 188 6.53 4.17 -11.36
C GLY B 188 6.70 5.51 -12.04
N THR B 189 6.27 5.60 -13.29
CA THR B 189 6.35 6.84 -14.05
C THR B 189 5.16 7.73 -13.71
N PRO B 190 5.37 9.01 -13.41
CA PRO B 190 4.26 9.84 -12.93
C PRO B 190 3.19 10.12 -13.98
N ILE B 191 3.55 10.19 -15.26
CA ILE B 191 2.56 10.50 -16.28
C ILE B 191 1.51 9.39 -16.42
N TYR B 192 1.84 8.17 -15.99
CA TYR B 192 0.90 7.06 -16.05
C TYR B 192 0.10 6.85 -14.77
N MET B 193 0.39 7.59 -13.70
CA MET B 193 -0.19 7.26 -12.39
C MET B 193 -1.63 7.73 -12.30
N ALA B 194 -2.45 6.89 -11.66
CA ALA B 194 -3.89 7.10 -11.51
C ALA B 194 -4.19 8.00 -10.32
N PRO B 195 -5.33 8.69 -10.34
CA PRO B 195 -5.63 9.62 -9.22
C PRO B 195 -5.68 8.95 -7.86
N GLU B 196 -6.28 7.76 -7.75
CA GLU B 196 -6.39 7.11 -6.45
C GLU B 196 -5.04 6.65 -5.92
N VAL B 197 -4.06 6.45 -6.80
CA VAL B 197 -2.71 6.14 -6.34
C VAL B 197 -2.06 7.38 -5.76
N ILE B 198 -2.26 8.53 -6.40
CA ILE B 198 -1.75 9.80 -5.88
C ILE B 198 -2.38 10.10 -4.53
N SER B 199 -3.69 9.86 -4.40
CA SER B 199 -4.37 10.11 -3.13
C SER B 199 -3.86 9.18 -2.03
N ALA B 200 -3.66 7.89 -2.37
CA ALA B 200 -3.19 6.95 -1.36
C ALA B 200 -1.75 7.26 -0.93
N HIS B 201 -0.92 7.73 -1.86
CA HIS B 201 0.45 8.07 -1.50
C HIS B 201 0.52 9.39 -0.75
N ASP B 202 -0.28 10.39 -1.16
CA ASP B 202 -0.24 11.69 -0.51
C ASP B 202 -1.05 11.74 0.77
N TYR B 203 -1.98 10.80 0.96
CA TYR B 203 -2.84 10.77 2.13
C TYR B 203 -2.73 9.45 2.87
N SER B 204 -1.52 8.92 2.94
CA SER B 204 -1.30 7.66 3.63
C SER B 204 -1.43 7.80 5.14
N GLN B 205 -1.39 9.03 5.67
CA GLN B 205 -1.45 9.25 7.11
C GLN B 205 -2.85 9.58 7.61
N GLN B 206 -3.79 9.88 6.73
CA GLN B 206 -5.11 10.34 7.16
C GLN B 206 -5.95 9.25 7.81
N CYS B 207 -5.54 7.98 7.70
CA CYS B 207 -6.29 6.92 8.39
C CYS B 207 -6.21 7.06 9.90
N ASP B 208 -5.08 7.55 10.41
CA ASP B 208 -4.97 7.82 11.85
C ASP B 208 -5.96 8.89 12.28
N ILE B 209 -6.19 9.90 11.43
CA ILE B 209 -7.16 10.94 11.75
C ILE B 209 -8.56 10.36 11.83
N TRP B 210 -8.92 9.50 10.87
CA TRP B 210 -10.21 8.82 10.93
C TRP B 210 -10.36 8.02 12.22
N SER B 211 -9.29 7.36 12.66
CA SER B 211 -9.37 6.60 13.90
C SER B 211 -9.60 7.50 15.10
N ILE B 212 -8.97 8.69 15.12
CA ILE B 212 -9.22 9.65 16.19
C ILE B 212 -10.68 10.08 16.17
N GLY B 213 -11.23 10.32 14.98
CA GLY B 213 -12.64 10.65 14.88
C GLY B 213 -13.55 9.55 15.40
N VAL B 214 -13.22 8.30 15.06
CA VAL B 214 -14.03 7.17 15.54
C VAL B 214 -13.98 7.08 17.04
N VAL B 215 -12.78 7.12 17.64
CA VAL B 215 -12.67 6.99 19.09
C VAL B 215 -13.37 8.14 19.81
N MET B 216 -13.37 9.34 19.22
CA MET B 216 -14.09 10.43 19.86
C MET B 216 -15.59 10.17 19.87
N TYR B 217 -16.12 9.59 18.79
CA TYR B 217 -17.53 9.22 18.77
C TYR B 217 -17.83 8.22 19.88
N MET B 218 -17.01 7.18 20.01
CA MET B 218 -17.29 6.13 20.98
C MET B 218 -17.16 6.63 22.41
N LEU B 219 -16.27 7.59 22.66
CA LEU B 219 -16.16 8.16 23.99
C LEU B 219 -17.38 8.99 24.33
N LEU B 220 -17.95 9.70 23.35
CA LEU B 220 -19.11 10.54 23.59
C LEU B 220 -20.39 9.71 23.68
N ARG B 221 -20.61 8.81 22.72
CA ARG B 221 -21.87 8.06 22.68
C ARG B 221 -21.83 6.79 23.51
N GLY B 222 -20.78 5.98 23.36
CA GLY B 222 -20.74 4.67 23.94
C GLY B 222 -21.00 3.53 22.96
N GLU B 223 -21.13 3.83 21.67
CA GLU B 223 -21.37 2.87 20.61
C GLU B 223 -20.51 3.27 19.43
N PRO B 224 -20.09 2.32 18.60
CA PRO B 224 -19.31 2.67 17.41
C PRO B 224 -20.14 3.52 16.47
N PRO B 225 -19.49 4.35 15.65
CA PRO B 225 -20.26 5.22 14.74
C PRO B 225 -20.95 4.44 13.64
N PHE B 226 -20.42 3.29 13.25
CA PHE B 226 -21.02 2.46 12.20
C PHE B 226 -21.03 1.02 12.69
N LEU B 227 -22.21 0.40 12.68
CA LEU B 227 -22.37 -0.98 13.09
C LEU B 227 -23.44 -1.64 12.24
N ALA B 228 -23.21 -2.89 11.86
CA ALA B 228 -24.12 -3.61 10.99
C ALA B 228 -24.06 -5.11 11.28
N SER B 229 -24.90 -5.87 10.59
CA SER B 229 -25.02 -7.31 10.79
C SER B 229 -24.09 -8.13 9.92
N SER B 230 -23.51 -7.55 8.88
CA SER B 230 -22.60 -8.28 8.03
C SER B 230 -21.42 -7.37 7.82
N GLU B 231 -20.30 -7.95 7.39
CA GLU B 231 -19.16 -7.07 7.14
C GLU B 231 -19.54 -6.01 6.11
N GLU B 232 -19.98 -6.44 4.92
CA GLU B 232 -20.28 -5.45 3.87
C GLU B 232 -21.26 -4.38 4.34
N LYS B 233 -22.38 -4.79 4.94
CA LYS B 233 -23.32 -3.80 5.47
C LYS B 233 -22.61 -2.78 6.34
N LEU B 234 -21.60 -3.22 7.09
CA LEU B 234 -20.77 -2.28 7.83
C LEU B 234 -19.88 -1.46 6.90
N PHE B 235 -19.25 -2.08 5.89
CA PHE B 235 -18.40 -1.30 4.99
C PHE B 235 -19.22 -0.21 4.30
N GLU B 236 -20.46 -0.54 3.89
CA GLU B 236 -21.29 0.44 3.20
C GLU B 236 -21.61 1.64 4.09
N LEU B 237 -21.82 1.41 5.39
CA LEU B 237 -22.04 2.53 6.30
C LEU B 237 -20.82 3.43 6.32
N ILE B 238 -19.62 2.85 6.27
CA ILE B 238 -18.39 3.62 6.32
C ILE B 238 -18.25 4.49 5.08
N ARG B 239 -18.58 3.94 3.90
CA ARG B 239 -18.46 4.70 2.66
C ARG B 239 -19.43 5.88 2.66
N LYS B 240 -20.69 5.63 3.02
CA LYS B 240 -21.62 6.73 3.22
C LYS B 240 -21.12 7.66 4.32
N GLY B 241 -20.54 7.08 5.38
CA GLY B 241 -19.92 7.85 6.45
C GLY B 241 -20.83 8.87 7.09
N GLU B 242 -22.13 8.62 7.05
CA GLU B 242 -23.12 9.57 7.55
C GLU B 242 -23.07 9.60 9.07
N LEU B 243 -22.43 10.62 9.62
CA LEU B 243 -22.49 10.87 11.07
C LEU B 243 -23.90 11.25 11.46
N HIS B 244 -24.54 10.39 12.25
CA HIS B 244 -25.93 10.56 12.65
C HIS B 244 -25.99 11.17 14.04
N PHE B 245 -26.44 12.42 14.12
CA PHE B 245 -26.71 13.10 15.38
C PHE B 245 -28.21 12.98 15.67
N GLU B 246 -28.91 14.04 16.10
CA GLU B 246 -30.32 14.01 16.47
C GLU B 246 -30.61 13.08 17.65
N ASN B 247 -29.60 12.33 18.09
CA ASN B 247 -29.75 11.41 19.21
C ASN B 247 -30.04 12.20 20.50
N ALA B 248 -30.48 11.48 21.53
CA ALA B 248 -30.90 12.11 22.76
C ALA B 248 -29.72 12.67 23.57
N VAL B 249 -28.50 12.22 23.30
CA VAL B 249 -27.34 12.68 24.06
C VAL B 249 -26.58 13.85 23.43
N TRP B 250 -26.92 14.26 22.20
CA TRP B 250 -26.09 15.26 21.54
C TRP B 250 -26.35 16.71 21.95
N ASN B 251 -27.56 17.08 22.36
CA ASN B 251 -27.80 18.48 22.65
C ASN B 251 -27.00 18.98 23.86
N SER B 252 -26.71 18.10 24.82
CA SER B 252 -25.87 18.55 25.93
C SER B 252 -24.41 18.56 25.56
N ILE B 253 -24.07 18.06 24.37
CA ILE B 253 -22.73 18.10 23.83
C ILE B 253 -22.67 19.28 22.85
N SER B 254 -21.65 20.12 23.00
CA SER B 254 -21.59 21.39 22.29
C SER B 254 -21.55 21.18 20.77
N ASP B 255 -21.97 22.22 20.05
CA ASP B 255 -21.90 22.21 18.59
C ASP B 255 -20.46 22.22 18.12
N CYS B 256 -19.57 22.83 18.89
CA CYS B 256 -18.16 22.91 18.54
C CYS B 256 -17.54 21.53 18.48
N ALA B 257 -17.99 20.62 19.36
CA ALA B 257 -17.52 19.25 19.33
C ALA B 257 -18.03 18.51 18.10
N LYS B 258 -19.27 18.78 17.69
CA LYS B 258 -19.80 18.10 16.51
C LYS B 258 -19.12 18.58 15.23
N SER B 259 -18.68 19.84 15.20
CA SER B 259 -17.97 20.33 14.03
C SER B 259 -16.63 19.63 13.87
N VAL B 260 -15.88 19.47 14.97
CA VAL B 260 -14.61 18.77 14.89
C VAL B 260 -14.81 17.29 14.59
N LEU B 261 -15.93 16.71 15.03
CA LEU B 261 -16.27 15.34 14.65
C LEU B 261 -16.45 15.24 13.14
N LYS B 262 -17.22 16.16 12.55
CA LYS B 262 -17.43 16.16 11.11
C LYS B 262 -16.13 16.39 10.35
N GLN B 263 -15.19 17.12 10.96
CA GLN B 263 -13.90 17.36 10.33
C GLN B 263 -12.98 16.15 10.43
N LEU B 264 -13.11 15.37 11.51
CA LEU B 264 -12.27 14.19 11.68
C LEU B 264 -12.70 13.01 10.82
N MET B 265 -13.96 12.95 10.41
CA MET B 265 -14.47 11.81 9.63
C MET B 265 -15.02 12.25 8.28
N LYS B 266 -14.39 13.25 7.67
CA LYS B 266 -14.66 13.50 6.25
C LYS B 266 -14.33 12.26 5.45
N VAL B 267 -15.29 11.81 4.63
CA VAL B 267 -15.08 10.59 3.86
C VAL B 267 -13.89 10.75 2.92
N ASP B 268 -13.83 11.89 2.25
CA ASP B 268 -12.68 12.20 1.40
C ASP B 268 -11.50 12.57 2.28
N PRO B 269 -10.39 11.85 2.24
CA PRO B 269 -9.19 12.30 2.96
C PRO B 269 -8.68 13.66 2.52
N ALA B 270 -9.11 14.16 1.35
CA ALA B 270 -8.66 15.47 0.90
C ALA B 270 -9.03 16.57 1.89
N HIS B 271 -10.27 16.57 2.35
CA HIS B 271 -10.73 17.57 3.31
C HIS B 271 -10.80 17.03 4.74
N ARG B 272 -10.33 15.80 4.97
CA ARG B 272 -10.19 15.33 6.34
C ARG B 272 -9.11 16.18 7.02
N ILE B 273 -9.44 16.69 8.21
CA ILE B 273 -8.50 17.54 8.92
C ILE B 273 -7.21 16.77 9.20
N THR B 274 -6.10 17.51 9.31
CA THR B 274 -4.80 16.91 9.57
C THR B 274 -4.50 16.95 11.06
N ALA B 275 -3.41 16.29 11.44
CA ALA B 275 -3.02 16.26 12.85
C ALA B 275 -2.62 17.64 13.35
N LYS B 276 -1.84 18.37 12.56
CA LYS B 276 -1.42 19.71 12.97
C LYS B 276 -2.61 20.68 13.01
N GLU B 277 -3.50 20.59 12.03
CA GLU B 277 -4.71 21.41 12.06
C GLU B 277 -5.58 21.06 13.26
N LEU B 278 -5.64 19.78 13.61
CA LEU B 278 -6.42 19.36 14.77
C LEU B 278 -5.92 20.05 16.04
N LEU B 279 -4.61 20.00 16.27
CA LEU B 279 -4.03 20.63 17.45
C LEU B 279 -4.37 22.11 17.54
N ASP B 280 -4.58 22.78 16.41
CA ASP B 280 -4.93 24.20 16.40
C ASP B 280 -6.43 24.45 16.48
N ASN B 281 -7.26 23.41 16.60
CA ASN B 281 -8.70 23.60 16.58
C ASN B 281 -9.16 24.24 17.88
N GLN B 282 -10.20 25.08 17.77
CA GLN B 282 -10.68 25.84 18.92
C GLN B 282 -11.30 24.92 19.97
N TRP B 283 -11.80 23.75 19.58
CA TRP B 283 -12.44 22.86 20.54
C TRP B 283 -11.44 22.27 21.51
N LEU B 284 -10.21 22.00 21.06
CA LEU B 284 -9.16 21.57 21.97
C LEU B 284 -8.47 22.72 22.69
N THR B 285 -8.71 23.97 22.25
CA THR B 285 -8.10 25.13 22.87
C THR B 285 -9.19 25.99 23.44
N GLY B 286 -9.59 27.06 22.74
CA GLY B 286 -10.61 27.98 23.24
C GLY B 286 -10.33 29.41 22.84
C01 A1AAY C . 12.62 -1.75 -17.78
C03 A1AAY C . 10.98 -0.84 -19.25
C04 A1AAY C . 12.09 -2.92 -19.87
C05 A1AAY C . 11.00 -3.22 -20.95
C06 A1AAY C . 11.45 -4.62 -21.54
C08 A1AAY C . 12.53 -6.68 -20.49
C10 A1AAY C . 12.25 -7.72 -21.63
C11 A1AAY C . 11.67 -8.98 -21.30
C12 A1AAY C . 11.41 -9.92 -22.30
C13 A1AAY C . 11.74 -9.62 -23.66
C16 A1AAY C . 12.53 -8.40 -25.41
C17 A1AAY C . 13.15 -7.26 -26.23
C18 A1AAY C . 13.64 -6.37 -26.88
C19 A1AAY C . 14.23 -5.26 -27.68
C20 A1AAY C . 14.31 -5.42 -29.08
C21 A1AAY C . 14.86 -4.41 -29.86
C22 A1AAY C . 15.34 -3.24 -29.27
C23 A1AAY C . 15.26 -3.09 -27.88
C24 A1AAY C . 14.73 -4.08 -27.08
C25 A1AAY C . 14.68 -3.85 -25.69
C26 A1AAY C . 15.29 -4.76 -24.76
C27 A1AAY C . 15.23 -4.50 -23.38
C28 A1AAY C . 14.62 -3.34 -22.90
C29 A1AAY C . 14.04 -2.42 -23.82
C30 A1AAY C . 14.08 -2.69 -25.22
C31 A1AAY C . 12.32 -8.40 -23.99
C32 A1AAY C . 12.58 -7.43 -22.98
C33 A1AAY C . 12.43 -4.16 -19.39
N02 A1AAY C . 11.53 -2.07 -18.74
N07 A1AAY C . 12.13 -5.24 -20.56
N14 A1AAY C . 11.60 -10.35 -24.80
N15 A1AAY C . 12.10 -9.59 -25.88
O09 A1AAY C . 13.10 -7.04 -19.56
C01 A1AAY D . -3.27 -6.60 20.97
C03 A1AAY D . -4.79 -4.87 21.59
C04 A1AAY D . -2.88 -5.30 23.02
C05 A1AAY D . -3.15 -3.93 23.72
C06 A1AAY D . -1.96 -3.80 24.76
C08 A1AAY D . 0.47 -4.53 24.75
C10 A1AAY D . 0.99 -3.66 25.94
C11 A1AAY D . 2.19 -2.90 25.78
C12 A1AAY D . 2.70 -2.13 26.83
C13 A1AAY D . 2.01 -2.08 28.07
C16 A1AAY D . 0.38 -2.55 29.58
C17 A1AAY D . -0.89 -3.14 30.24
C18 A1AAY D . -1.89 -3.59 30.76
C19 A1AAY D . -3.12 -4.11 31.41
C20 A1AAY D . -3.41 -3.68 32.72
C21 A1AAY D . -4.54 -4.13 33.37
C22 A1AAY D . -5.41 -5.03 32.72
C23 A1AAY D . -5.12 -5.45 31.41
C24 A1AAY D . -4.00 -5.00 30.76
C25 A1AAY D . -3.76 -5.47 29.45
C26 A1AAY D . -2.57 -6.18 29.12
C27 A1AAY D . -2.35 -6.65 27.79
C28 A1AAY D . -3.31 -6.43 26.82
C29 A1AAY D . -4.52 -5.72 27.14
C30 A1AAY D . -4.73 -5.25 28.46
C31 A1AAY D . 0.82 -2.81 28.25
C32 A1AAY D . 0.31 -3.60 27.19
C33 A1AAY D . -1.50 -5.41 23.03
N02 A1AAY D . -3.40 -5.26 21.59
N07 A1AAY D . -0.94 -4.52 24.27
N14 A1AAY D . 2.26 -1.41 29.23
N15 A1AAY D . 1.25 -1.71 30.15
O09 A1AAY D . 1.22 -5.21 24.19
#